data_6J7K
#
_entry.id   6J7K
#
_cell.length_a   45.521
_cell.length_b   92.366
_cell.length_c   119.488
_cell.angle_alpha   90.000
_cell.angle_beta   90.000
_cell.angle_gamma   90.000
#
_symmetry.space_group_name_H-M   'P 21 21 21'
#
loop_
_entity.id
_entity.type
_entity.pdbx_description
1 polymer 'Pseudomonas aeruginosa Earp'
2 non-polymer "2'-DEOXY-THYMIDINE-BETA-L-RHAMNOSE"
3 non-polymer '2-(N-MORPHOLINO)-ETHANESULFONIC ACID'
4 water water
#
_entity_poly.entity_id   1
_entity_poly.type   'polypeptide(L)'
_entity_poly.pdbx_seq_one_letter_code
;GSSHHHHHHSSGENLYFQH(MSE)ASWDIFCSVVDNYGDIGVTWRLARQLAAEHGQAVRLWVDEPQAFARICPRADPVAH
VQCLDGVEVRAWGRPWAPVAAADVVIEAFACELPEAHRQA(MSE)RERKRPSLWLNLEYLSAEEWIGSCHALPSLQACGL
SKYFFFPGFREPSGGLLREAGLLERRRRFQASVSAQDEFLASLGVRRKVGERLISLFAYENPALPGWLEQLRDARQPSLL
LVPEGRVLADVADWLRVATLAVGDVHVRDALRVQVLPF(MSE)AQDDYDRLLWCCDLNAVRGEDSFVRAQWAGRPLLWHI
YRQEEETHLAKLEAFLELYCAGLPADLAENLRTFWLAWNAGGGLAGAWEGLERQLPEWRREAQRWADEQG(MSE)RPDLA
ARLVQFYADWLLEHHHHHH
;
_entity_poly.pdbx_strand_id   A
#
# COMPACT_ATOMS: atom_id res chain seq x y z
N HIS A 19 8.59 17.07 23.50
CA HIS A 19 9.70 16.86 22.58
C HIS A 19 9.24 16.84 21.13
N ALA A 21 11.05 16.46 17.13
CA ALA A 21 12.11 16.39 16.14
C ALA A 21 11.57 16.77 14.78
N SER A 22 12.48 17.14 13.89
CA SER A 22 12.15 17.48 12.52
C SER A 22 12.54 16.33 11.59
N TRP A 23 11.72 16.12 10.56
CA TRP A 23 11.87 14.99 9.65
C TRP A 23 11.80 15.46 8.21
N ASP A 24 12.80 15.09 7.42
CA ASP A 24 12.78 15.28 5.98
C ASP A 24 12.51 13.93 5.31
N ILE A 25 11.55 13.91 4.39
CA ILE A 25 11.19 12.70 3.67
C ILE A 25 11.26 13.02 2.18
N PHE A 26 12.20 12.40 1.48
CA PHE A 26 12.40 12.61 0.06
C PHE A 26 11.76 11.47 -0.72
N CYS A 27 10.92 11.82 -1.69
CA CYS A 27 10.21 10.83 -2.50
C CYS A 27 10.36 11.19 -3.96
N SER A 28 10.91 10.28 -4.75
CA SER A 28 10.95 10.40 -6.21
C SER A 28 9.91 9.46 -6.79
N VAL A 29 8.83 10.03 -7.33
CA VAL A 29 7.77 9.24 -7.95
C VAL A 29 8.31 8.60 -9.22
N VAL A 30 8.86 7.39 -9.09
CA VAL A 30 9.43 6.72 -10.25
C VAL A 30 8.33 6.31 -11.23
N ASP A 31 7.24 5.74 -10.71
CA ASP A 31 6.08 5.37 -11.50
C ASP A 31 4.95 5.01 -10.56
N ASN A 32 3.73 5.08 -11.07
CA ASN A 32 2.53 4.77 -10.30
C ASN A 32 2.42 5.65 -9.06
N TYR A 33 1.63 5.22 -8.08
CA TYR A 33 1.31 6.07 -6.93
C TYR A 33 1.71 5.43 -5.60
N GLY A 34 2.44 4.32 -5.62
CA GLY A 34 2.80 3.62 -4.40
C GLY A 34 3.90 4.27 -3.59
N ASP A 35 4.93 4.77 -4.26
CA ASP A 35 6.04 5.38 -3.53
C ASP A 35 5.61 6.69 -2.88
N ILE A 36 4.84 7.52 -3.60
CA ILE A 36 4.28 8.70 -2.96
C ILE A 36 3.17 8.31 -1.99
N GLY A 37 2.45 7.22 -2.28
CA GLY A 37 1.40 6.79 -1.37
C GLY A 37 1.94 6.38 -0.02
N VAL A 38 3.07 5.67 0.00
CA VAL A 38 3.66 5.21 1.26
C VAL A 38 4.28 6.38 2.02
N THR A 39 5.07 7.21 1.32
CA THR A 39 5.72 8.32 2.01
C THR A 39 4.70 9.34 2.51
N TRP A 40 3.60 9.54 1.79
CA TRP A 40 2.55 10.41 2.30
C TRP A 40 1.90 9.82 3.54
N ARG A 41 1.63 8.52 3.52
CA ARG A 41 1.03 7.87 4.70
C ARG A 41 1.95 7.99 5.91
N LEU A 42 3.25 7.76 5.72
CA LEU A 42 4.21 7.92 6.81
C LEU A 42 4.28 9.37 7.27
N ALA A 43 4.31 10.32 6.32
CA ALA A 43 4.42 11.72 6.69
C ALA A 43 3.24 12.17 7.52
N ARG A 44 2.03 11.78 7.14
CA ARG A 44 0.84 12.12 7.92
C ARG A 44 0.93 11.55 9.33
N GLN A 45 1.36 10.30 9.46
CA GLN A 45 1.37 9.65 10.76
C GLN A 45 2.39 10.29 11.69
N LEU A 46 3.56 10.66 11.16
CA LEU A 46 4.57 11.31 11.97
C LEU A 46 4.06 12.63 12.53
N ALA A 47 3.28 13.38 11.75
CA ALA A 47 2.81 14.68 12.20
C ALA A 47 1.60 14.55 13.11
N ALA A 48 0.67 13.64 12.80
CA ALA A 48 -0.58 13.59 13.55
C ALA A 48 -0.45 12.79 14.84
N GLU A 49 0.20 11.63 14.79
CA GLU A 49 0.28 10.75 15.96
C GLU A 49 1.48 11.02 16.84
N HIS A 50 2.52 11.68 16.32
CA HIS A 50 3.75 11.90 17.07
C HIS A 50 4.14 13.36 17.18
N GLY A 51 3.37 14.27 16.59
CA GLY A 51 3.65 15.69 16.73
C GLY A 51 4.97 16.12 16.16
N GLN A 52 5.52 15.39 15.19
CA GLN A 52 6.81 15.73 14.63
C GLN A 52 6.67 16.81 13.56
N ALA A 53 7.77 17.49 13.28
CA ALA A 53 7.82 18.47 12.21
C ALA A 53 8.29 17.78 10.94
N VAL A 54 7.44 17.73 9.93
CA VAL A 54 7.65 16.88 8.75
C VAL A 54 7.60 17.74 7.50
N ARG A 55 8.65 17.63 6.68
CA ARG A 55 8.68 18.20 5.34
C ARG A 55 8.78 17.04 4.35
N LEU A 56 7.81 16.92 3.47
CA LEU A 56 7.78 15.89 2.45
C LEU A 56 8.17 16.50 1.10
N TRP A 57 9.23 15.98 0.50
CA TRP A 57 9.73 16.46 -0.78
C TRP A 57 9.31 15.47 -1.87
N VAL A 58 8.61 15.97 -2.89
CA VAL A 58 8.13 15.15 -4.00
C VAL A 58 8.55 15.82 -5.30
N ASP A 59 9.07 15.02 -6.24
CA ASP A 59 9.55 15.56 -7.50
C ASP A 59 8.47 15.67 -8.57
N GLU A 60 7.27 15.14 -8.30
CA GLU A 60 6.16 15.23 -9.25
C GLU A 60 4.88 15.51 -8.46
N PRO A 61 4.48 16.78 -8.36
CA PRO A 61 3.32 17.12 -7.52
C PRO A 61 2.00 16.59 -8.06
N GLN A 62 1.89 16.33 -9.37
CA GLN A 62 0.62 15.85 -9.91
C GLN A 62 0.32 14.43 -9.42
N ALA A 63 1.36 13.62 -9.19
CA ALA A 63 1.13 12.28 -8.64
C ALA A 63 0.62 12.34 -7.21
N PHE A 64 1.15 13.28 -6.43
CA PHE A 64 0.68 13.45 -5.06
C PHE A 64 -0.74 14.01 -5.02
N ALA A 65 -1.10 14.83 -6.01
CA ALA A 65 -2.41 15.46 -5.99
C ALA A 65 -3.55 14.49 -6.24
N ARG A 66 -3.27 13.32 -6.81
CA ARG A 66 -4.34 12.37 -7.07
C ARG A 66 -4.63 11.46 -5.88
N ILE A 67 -3.63 11.19 -5.04
CA ILE A 67 -3.89 10.47 -3.80
C ILE A 67 -4.31 11.39 -2.66
N CYS A 68 -4.06 12.70 -2.80
CA CYS A 68 -4.51 13.70 -1.82
C CYS A 68 -5.20 14.81 -2.60
N PRO A 69 -6.51 14.69 -2.81
CA PRO A 69 -7.22 15.67 -3.65
C PRO A 69 -7.20 17.09 -3.11
N ARG A 70 -7.03 17.28 -1.80
CA ARG A 70 -6.94 18.64 -1.25
C ARG A 70 -5.69 19.37 -1.73
N ALA A 71 -4.68 18.63 -2.20
CA ALA A 71 -3.42 19.25 -2.59
C ALA A 71 -3.60 20.15 -3.82
N ASP A 72 -2.75 21.16 -3.92
CA ASP A 72 -2.68 22.01 -5.09
C ASP A 72 -1.43 21.65 -5.89
N PRO A 73 -1.57 21.16 -7.12
CA PRO A 73 -0.38 20.66 -7.84
C PRO A 73 0.62 21.74 -8.19
N VAL A 74 0.20 23.01 -8.34
CA VAL A 74 1.10 24.06 -8.79
C VAL A 74 1.76 24.81 -7.64
N ALA A 75 1.45 24.46 -6.39
CA ALA A 75 2.03 25.14 -5.24
C ALA A 75 3.40 24.57 -4.92
N HIS A 76 4.37 25.46 -4.67
CA HIS A 76 5.71 25.02 -4.34
C HIS A 76 5.82 24.57 -2.88
N VAL A 77 4.93 25.06 -2.02
CA VAL A 77 4.92 24.67 -0.61
C VAL A 77 3.48 24.78 -0.11
N GLN A 78 3.08 23.81 0.70
CA GLN A 78 1.72 23.79 1.25
C GLN A 78 1.71 22.87 2.45
N CYS A 79 0.86 23.21 3.42
CA CYS A 79 0.73 22.45 4.67
C CYS A 79 -0.58 21.67 4.61
N LEU A 80 -0.48 20.34 4.53
CA LEU A 80 -1.62 19.46 4.46
C LEU A 80 -1.52 18.45 5.60
N ASP A 81 -2.56 18.40 6.44
CA ASP A 81 -2.62 17.47 7.58
C ASP A 81 -1.38 17.58 8.46
N GLY A 82 -0.90 18.81 8.64
CA GLY A 82 0.28 19.06 9.45
C GLY A 82 1.59 18.75 8.77
N VAL A 83 1.58 18.34 7.50
CA VAL A 83 2.79 18.02 6.76
C VAL A 83 3.08 19.16 5.79
N GLU A 84 4.31 19.67 5.82
CA GLU A 84 4.74 20.68 4.86
C GLU A 84 5.19 19.95 3.59
N VAL A 85 4.34 19.93 2.59
CA VAL A 85 4.64 19.27 1.32
C VAL A 85 5.31 20.29 0.41
N ARG A 86 6.52 19.98 -0.05
CA ARG A 86 7.32 20.89 -0.85
C ARG A 86 7.72 20.23 -2.16
N ALA A 87 7.78 21.02 -3.23
CA ALA A 87 8.21 20.49 -4.51
C ALA A 87 9.72 20.27 -4.50
N TRP A 88 10.13 19.10 -4.98
CA TRP A 88 11.56 18.80 -5.14
C TRP A 88 12.01 19.45 -6.44
N GLY A 89 12.74 20.56 -6.32
CA GLY A 89 13.05 21.38 -7.47
C GLY A 89 14.29 20.95 -8.22
N ARG A 90 14.33 21.34 -9.49
CA ARG A 90 15.51 21.16 -10.34
C ARG A 90 15.80 22.48 -11.02
N PRO A 91 16.85 23.21 -10.62
CA PRO A 91 17.84 22.83 -9.61
C PRO A 91 17.30 22.84 -8.17
N TRP A 92 17.99 22.14 -7.29
CA TRP A 92 17.57 22.00 -5.90
C TRP A 92 17.88 23.27 -5.12
N ALA A 93 16.85 23.89 -4.57
CA ALA A 93 17.04 25.05 -3.71
C ALA A 93 17.60 24.61 -2.37
N PRO A 94 18.76 25.12 -1.95
CA PRO A 94 19.37 24.64 -0.69
C PRO A 94 18.61 25.15 0.53
N VAL A 95 18.34 24.23 1.46
CA VAL A 95 17.71 24.55 2.74
C VAL A 95 18.47 23.80 3.84
N ALA A 96 18.16 24.15 5.08
CA ALA A 96 18.73 23.45 6.22
C ALA A 96 18.14 22.05 6.32
N ALA A 97 18.92 21.13 6.87
CA ALA A 97 18.50 19.73 6.99
C ALA A 97 17.82 19.49 8.34
N ALA A 98 16.93 18.52 8.37
CA ALA A 98 16.17 18.19 9.56
C ALA A 98 16.96 17.22 10.45
N ASP A 99 16.38 16.90 11.62
CA ASP A 99 17.01 15.95 12.52
C ASP A 99 17.11 14.56 11.90
N VAL A 100 16.07 14.17 11.15
CA VAL A 100 16.03 12.88 10.47
C VAL A 100 15.75 13.11 9.00
N VAL A 101 16.60 12.56 8.14
CA VAL A 101 16.38 12.59 6.69
C VAL A 101 16.10 11.18 6.22
N ILE A 102 14.89 10.96 5.72
CA ILE A 102 14.47 9.66 5.22
C ILE A 102 14.59 9.70 3.69
N GLU A 103 15.57 8.97 3.17
CA GLU A 103 15.68 8.74 1.74
C GLU A 103 14.79 7.56 1.38
N ALA A 104 13.65 7.83 0.75
CA ALA A 104 12.70 6.77 0.44
C ALA A 104 13.13 6.03 -0.81
N PHE A 105 13.35 4.72 -0.68
CA PHE A 105 13.57 3.81 -1.82
C PHE A 105 14.76 4.24 -2.67
N ALA A 106 15.84 4.66 -2.00
CA ALA A 106 17.13 4.96 -2.65
C ALA A 106 16.97 6.00 -3.77
N CYS A 107 16.19 7.04 -3.51
CA CYS A 107 15.92 8.06 -4.53
C CYS A 107 17.07 9.04 -4.73
N GLU A 108 18.14 8.95 -3.94
CA GLU A 108 19.30 9.85 -3.97
C GLU A 108 18.97 11.24 -3.45
N LEU A 109 19.61 11.64 -2.35
CA LEU A 109 19.41 12.96 -1.77
C LEU A 109 20.16 14.02 -2.58
N PRO A 110 19.72 15.28 -2.51
CA PRO A 110 20.47 16.34 -3.19
C PRO A 110 21.85 16.51 -2.60
N GLU A 111 22.78 16.95 -3.43
CA GLU A 111 24.16 17.17 -2.99
C GLU A 111 24.20 18.13 -1.81
N ALA A 112 23.64 19.33 -1.99
CA ALA A 112 23.71 20.36 -0.95
C ALA A 112 22.95 19.96 0.31
N HIS A 113 21.98 19.05 0.21
CA HIS A 113 21.28 18.62 1.41
C HIS A 113 22.15 17.70 2.26
N ARG A 114 22.97 16.87 1.61
CA ARG A 114 23.91 16.05 2.37
C ARG A 114 25.00 16.90 3.01
N GLN A 115 25.37 18.01 2.37
CA GLN A 115 26.25 18.97 3.04
C GLN A 115 25.58 19.56 4.26
N ALA A 116 24.31 19.95 4.13
CA ALA A 116 23.58 20.52 5.27
C ALA A 116 23.39 19.51 6.39
N ARG A 118 25.56 17.16 7.16
CA ARG A 118 26.86 16.98 7.79
C ARG A 118 27.30 18.22 8.57
N GLU A 119 26.80 19.39 8.21
CA GLU A 119 27.19 20.64 8.86
C GLU A 119 26.54 20.85 10.22
N ARG A 120 25.42 20.17 10.50
CA ARG A 120 24.71 20.37 11.75
C ARG A 120 25.60 20.03 12.96
N LYS A 121 25.33 20.69 14.09
CA LYS A 121 26.01 20.33 15.33
C LYS A 121 25.75 18.87 15.68
N ARG A 122 24.49 18.45 15.60
CA ARG A 122 24.12 17.04 15.66
C ARG A 122 23.73 16.59 14.26
N PRO A 123 24.63 15.93 13.53
CA PRO A 123 24.33 15.56 12.14
C PRO A 123 23.04 14.75 12.02
N SER A 124 22.38 14.91 10.87
CA SER A 124 21.08 14.27 10.68
C SER A 124 21.21 12.76 10.70
N LEU A 125 20.23 12.11 11.32
CA LEU A 125 20.08 10.67 11.16
C LEU A 125 19.64 10.38 9.72
N TRP A 126 20.45 9.58 9.02
CA TRP A 126 20.20 9.26 7.61
C TRP A 126 19.56 7.87 7.53
N LEU A 127 18.33 7.81 7.07
CA LEU A 127 17.61 6.56 6.90
C LEU A 127 17.30 6.34 5.43
N ASN A 128 17.30 5.07 5.03
CA ASN A 128 16.87 4.66 3.70
C ASN A 128 15.68 3.72 3.86
N LEU A 129 14.49 4.20 3.50
CA LEU A 129 13.28 3.40 3.61
C LEU A 129 13.23 2.42 2.44
N GLU A 130 13.22 1.13 2.75
CA GLU A 130 13.23 0.08 1.75
C GLU A 130 11.82 -0.34 1.38
N TYR A 131 11.71 -1.07 0.27
CA TYR A 131 10.44 -1.67 -0.09
C TYR A 131 10.13 -2.82 0.87
N LEU A 132 8.83 -3.05 1.09
CA LEU A 132 8.40 -4.11 1.97
C LEU A 132 8.64 -5.47 1.34
N SER A 133 9.10 -6.41 2.15
CA SER A 133 9.34 -7.77 1.69
C SER A 133 9.03 -8.76 2.81
N ALA A 134 8.55 -9.94 2.43
CA ALA A 134 8.31 -11.02 3.37
C ALA A 134 9.44 -12.03 3.42
N GLU A 135 10.50 -11.81 2.65
CA GLU A 135 11.65 -12.70 2.68
C GLU A 135 12.32 -12.68 4.04
N GLU A 136 12.88 -13.82 4.43
CA GLU A 136 13.48 -13.94 5.76
C GLU A 136 14.76 -13.12 5.88
N TRP A 137 15.46 -12.90 4.77
CA TRP A 137 16.79 -12.29 4.85
C TRP A 137 16.76 -10.81 5.21
N ILE A 138 15.61 -10.15 5.10
CA ILE A 138 15.56 -8.74 5.44
C ILE A 138 15.80 -8.51 6.93
N GLY A 139 15.56 -9.53 7.77
CA GLY A 139 15.86 -9.40 9.17
C GLY A 139 17.32 -9.17 9.46
N SER A 140 18.20 -9.85 8.71
CA SER A 140 19.63 -9.69 8.89
C SER A 140 20.14 -8.33 8.44
N CYS A 141 19.33 -7.56 7.71
CA CYS A 141 19.75 -6.28 7.18
C CYS A 141 19.01 -5.09 7.76
N HIS A 142 17.95 -5.31 8.54
CA HIS A 142 17.20 -4.21 9.10
C HIS A 142 18.05 -3.45 10.13
N ALA A 143 18.02 -2.12 10.05
CA ALA A 143 18.77 -1.18 10.87
C ALA A 143 20.27 -1.22 10.59
N LEU A 144 20.70 -1.87 9.52
CA LEU A 144 22.13 -1.98 9.23
C LEU A 144 22.72 -0.62 8.87
N PRO A 145 23.80 -0.20 9.52
CA PRO A 145 24.45 1.06 9.14
C PRO A 145 25.47 0.85 8.03
N SER A 146 25.59 1.88 7.19
CA SER A 146 26.54 1.86 6.08
C SER A 146 27.25 3.20 6.04
N LEU A 147 28.55 3.19 6.29
CA LEU A 147 29.35 4.41 6.26
C LEU A 147 29.52 4.91 4.83
N GLN A 148 29.20 6.18 4.61
CA GLN A 148 29.33 6.79 3.31
C GLN A 148 30.68 7.49 3.17
N ALA A 149 30.95 7.99 1.96
CA ALA A 149 32.24 8.64 1.71
C ALA A 149 32.34 9.98 2.42
N CYS A 150 31.23 10.71 2.52
CA CYS A 150 31.23 12.02 3.15
C CYS A 150 31.42 11.95 4.66
N GLY A 151 31.40 10.76 5.26
CA GLY A 151 31.59 10.58 6.69
C GLY A 151 30.32 10.20 7.43
N LEU A 152 29.17 10.62 6.91
CA LEU A 152 27.90 10.24 7.52
C LEU A 152 27.62 8.76 7.26
N SER A 153 26.84 8.16 8.15
CA SER A 153 26.36 6.81 7.99
C SER A 153 24.89 6.81 7.64
N LYS A 154 24.49 5.85 6.82
CA LYS A 154 23.11 5.65 6.43
C LYS A 154 22.61 4.33 7.01
N TYR A 155 21.35 4.30 7.44
CA TYR A 155 20.76 3.12 8.06
C TYR A 155 19.65 2.59 7.16
N PHE A 156 19.68 1.28 6.90
CA PHE A 156 18.66 0.64 6.07
C PHE A 156 17.49 0.21 6.93
N PHE A 157 16.28 0.61 6.51
CA PHE A 157 15.06 0.33 7.27
C PHE A 157 14.15 -0.54 6.40
N PHE A 158 13.98 -1.80 6.79
CA PHE A 158 13.20 -2.76 6.03
C PHE A 158 11.84 -2.96 6.69
N PRO A 159 10.75 -2.51 6.10
CA PRO A 159 9.42 -2.94 6.57
C PRO A 159 9.29 -4.45 6.41
N GLY A 160 8.59 -5.08 7.35
CA GLY A 160 8.50 -6.53 7.34
C GLY A 160 7.25 -7.06 8.00
N PHE A 161 7.00 -8.34 7.74
CA PHE A 161 5.86 -9.05 8.32
C PHE A 161 6.22 -9.88 9.54
N ARG A 162 7.51 -9.98 9.87
CA ARG A 162 7.96 -10.77 11.01
C ARG A 162 9.11 -10.05 11.67
N GLU A 163 9.49 -10.54 12.86
CA GLU A 163 10.63 -9.91 13.52
C GLU A 163 11.91 -10.67 13.23
N PRO A 164 13.06 -9.98 13.09
CA PRO A 164 13.20 -8.53 13.16
C PRO A 164 12.90 -7.84 11.85
N SER A 165 12.32 -6.64 11.92
CA SER A 165 12.03 -5.82 10.74
C SER A 165 11.54 -4.46 11.24
N GLY A 166 11.19 -3.60 10.29
CA GLY A 166 10.66 -2.30 10.60
C GLY A 166 9.15 -2.23 10.72
N GLY A 167 8.46 -3.36 10.65
CA GLY A 167 7.02 -3.36 10.83
C GLY A 167 6.26 -2.97 9.57
N LEU A 168 5.00 -2.60 9.77
CA LEU A 168 4.12 -2.14 8.71
C LEU A 168 3.47 -0.83 9.11
N LEU A 169 3.20 0.02 8.12
CA LEU A 169 2.45 1.24 8.38
C LEU A 169 1.04 0.89 8.82
N ARG A 170 0.62 1.46 9.94
CA ARG A 170 -0.73 1.27 10.46
C ARG A 170 -1.06 2.44 11.38
N GLU A 171 -2.13 3.17 11.07
CA GLU A 171 -2.50 4.31 11.88
C GLU A 171 -3.04 3.86 13.24
N ALA A 172 -3.04 4.79 14.19
CA ALA A 172 -3.55 4.49 15.52
C ALA A 172 -5.06 4.29 15.47
N GLY A 173 -5.53 3.20 16.06
CA GLY A 173 -6.94 2.90 16.06
C GLY A 173 -7.50 2.47 14.72
N LEU A 174 -6.65 2.07 13.78
CA LEU A 174 -7.12 1.72 12.45
C LEU A 174 -8.05 0.52 12.47
N LEU A 175 -7.66 -0.55 13.18
CA LEU A 175 -8.49 -1.74 13.22
C LEU A 175 -9.76 -1.51 14.03
N GLU A 176 -9.72 -0.65 15.04
CA GLU A 176 -10.92 -0.32 15.79
C GLU A 176 -11.94 0.39 14.92
N ARG A 177 -11.48 1.30 14.05
CA ARG A 177 -12.40 1.96 13.13
C ARG A 177 -12.90 0.99 12.07
N ARG A 178 -12.02 0.12 11.56
CA ARG A 178 -12.41 -0.82 10.53
C ARG A 178 -13.48 -1.79 11.04
N ARG A 179 -13.32 -2.27 12.28
CA ARG A 179 -14.28 -3.21 12.83
C ARG A 179 -15.66 -2.58 13.00
N ARG A 180 -15.71 -1.35 13.52
CA ARG A 180 -17.01 -0.68 13.66
C ARG A 180 -17.63 -0.42 12.29
N PHE A 181 -16.80 -0.06 11.31
CA PHE A 181 -17.33 0.18 9.96
C PHE A 181 -17.92 -1.08 9.37
N GLN A 182 -17.24 -2.22 9.53
CA GLN A 182 -17.72 -3.48 8.95
C GLN A 182 -18.87 -4.09 9.76
N ALA A 183 -19.04 -3.68 11.01
CA ALA A 183 -20.17 -4.13 11.82
C ALA A 183 -21.41 -3.27 11.64
N SER A 184 -21.33 -2.21 10.84
CA SER A 184 -22.45 -1.29 10.61
C SER A 184 -22.89 -1.42 9.15
N VAL A 185 -24.07 -1.99 8.94
CA VAL A 185 -24.61 -2.04 7.58
C VAL A 185 -24.92 -0.64 7.08
N SER A 186 -25.34 0.27 7.96
CA SER A 186 -25.70 1.60 7.53
C SER A 186 -24.49 2.42 7.12
N ALA A 187 -23.35 2.24 7.81
CA ALA A 187 -22.15 2.99 7.45
C ALA A 187 -21.60 2.52 6.11
N GLN A 188 -21.69 1.22 5.83
CA GLN A 188 -21.21 0.70 4.55
C GLN A 188 -22.10 1.15 3.40
N ASP A 189 -23.43 1.08 3.59
CA ASP A 189 -24.34 1.54 2.55
C ASP A 189 -24.22 3.04 2.33
N GLU A 190 -23.99 3.80 3.40
CA GLU A 190 -23.86 5.24 3.27
C GLU A 190 -22.61 5.61 2.48
N PHE A 191 -21.50 4.89 2.70
CA PHE A 191 -20.28 5.18 1.94
C PHE A 191 -20.42 4.75 0.49
N LEU A 192 -20.98 3.57 0.25
CA LEU A 192 -21.18 3.11 -1.12
C LEU A 192 -22.13 4.01 -1.88
N ALA A 193 -23.13 4.57 -1.20
CA ALA A 193 -24.06 5.48 -1.86
C ALA A 193 -23.37 6.77 -2.28
N SER A 194 -22.35 7.22 -1.53
CA SER A 194 -21.62 8.41 -1.94
C SER A 194 -20.85 8.16 -3.23
N LEU A 195 -20.47 6.91 -3.50
CA LEU A 195 -19.85 6.53 -4.76
C LEU A 195 -20.86 6.12 -5.81
N GLY A 196 -22.16 6.18 -5.49
CA GLY A 196 -23.17 5.72 -6.42
C GLY A 196 -23.28 4.21 -6.54
N VAL A 197 -22.87 3.48 -5.50
CA VAL A 197 -22.89 2.02 -5.50
C VAL A 197 -24.05 1.56 -4.62
N ARG A 198 -24.80 0.59 -5.12
CA ARG A 198 -25.90 -0.03 -4.37
C ARG A 198 -25.75 -1.54 -4.49
N ARG A 199 -25.39 -2.18 -3.38
CA ARG A 199 -25.25 -3.63 -3.37
C ARG A 199 -26.61 -4.29 -3.55
N LYS A 200 -26.63 -5.37 -4.33
CA LYS A 200 -27.80 -6.23 -4.41
C LYS A 200 -27.70 -7.33 -3.36
N VAL A 201 -28.86 -7.80 -2.90
CA VAL A 201 -28.91 -8.85 -1.90
C VAL A 201 -28.30 -10.13 -2.47
N GLY A 202 -27.30 -10.67 -1.78
CA GLY A 202 -26.63 -11.87 -2.23
C GLY A 202 -25.51 -11.64 -3.21
N GLU A 203 -25.23 -10.39 -3.57
CA GLU A 203 -24.19 -10.06 -4.52
C GLU A 203 -22.86 -9.90 -3.79
N ARG A 204 -21.85 -10.67 -4.20
CA ARG A 204 -20.52 -10.51 -3.62
C ARG A 204 -19.82 -9.30 -4.21
N LEU A 205 -19.12 -8.55 -3.38
CA LEU A 205 -18.45 -7.31 -3.78
C LEU A 205 -16.96 -7.55 -3.95
N ILE A 206 -16.44 -7.22 -5.13
CA ILE A 206 -15.04 -7.41 -5.46
C ILE A 206 -14.50 -6.09 -6.02
N SER A 207 -13.39 -5.62 -5.46
CA SER A 207 -12.70 -4.43 -5.97
C SER A 207 -11.54 -4.88 -6.84
N LEU A 208 -11.29 -4.12 -7.90
CA LEU A 208 -10.25 -4.46 -8.88
C LEU A 208 -9.25 -3.32 -8.96
N PHE A 209 -8.05 -3.55 -8.44
CA PHE A 209 -6.95 -2.61 -8.53
C PHE A 209 -5.71 -3.41 -8.91
N ALA A 210 -5.27 -3.28 -10.15
CA ALA A 210 -4.18 -4.10 -10.66
C ALA A 210 -3.55 -3.39 -11.84
N TYR A 211 -2.60 -4.07 -12.49
CA TYR A 211 -2.01 -3.59 -13.73
C TYR A 211 -2.70 -4.28 -14.90
N GLU A 212 -2.12 -4.14 -16.09
CA GLU A 212 -2.59 -4.94 -17.22
C GLU A 212 -2.37 -6.41 -16.92
N ASN A 213 -3.40 -7.22 -17.12
CA ASN A 213 -3.29 -8.63 -16.76
C ASN A 213 -3.99 -9.50 -17.78
N PRO A 214 -3.24 -10.35 -18.51
CA PRO A 214 -3.88 -11.28 -19.45
C PRO A 214 -4.77 -12.31 -18.79
N ALA A 215 -4.70 -12.49 -17.47
CA ALA A 215 -5.55 -13.44 -16.78
C ALA A 215 -6.92 -12.87 -16.46
N LEU A 216 -7.13 -11.57 -16.66
CA LEU A 216 -8.41 -10.95 -16.32
C LEU A 216 -9.58 -11.54 -17.10
N PRO A 217 -9.55 -11.61 -18.43
CA PRO A 217 -10.74 -12.13 -19.14
C PRO A 217 -11.15 -13.53 -18.70
N GLY A 218 -10.18 -14.40 -18.41
CA GLY A 218 -10.52 -15.73 -17.92
C GLY A 218 -11.23 -15.68 -16.58
N TRP A 219 -10.84 -14.75 -15.71
CA TRP A 219 -11.51 -14.62 -14.42
C TRP A 219 -12.88 -13.97 -14.55
N LEU A 220 -13.00 -12.96 -15.41
CA LEU A 220 -14.30 -12.31 -15.59
C LEU A 220 -15.31 -13.25 -16.23
N GLU A 221 -14.84 -14.23 -17.01
CA GLU A 221 -15.75 -15.23 -17.56
C GLU A 221 -16.30 -16.13 -16.47
N GLN A 222 -15.48 -16.48 -15.48
CA GLN A 222 -15.96 -17.31 -14.39
C GLN A 222 -16.90 -16.55 -13.47
N LEU A 223 -16.64 -15.25 -13.27
CA LEU A 223 -17.60 -14.42 -12.55
C LEU A 223 -18.91 -14.29 -13.32
N ARG A 224 -18.84 -14.25 -14.66
CA ARG A 224 -20.04 -14.11 -15.46
C ARG A 224 -20.91 -15.36 -15.41
N ASP A 225 -20.29 -16.54 -15.48
CA ASP A 225 -21.02 -17.80 -15.58
C ASP A 225 -21.29 -18.43 -14.22
N ALA A 226 -20.97 -17.75 -13.14
CA ALA A 226 -21.15 -18.32 -11.81
C ALA A 226 -22.62 -18.33 -11.42
N ARG A 227 -22.96 -19.24 -10.49
CA ARG A 227 -24.33 -19.31 -10.01
C ARG A 227 -24.68 -18.11 -9.15
N GLN A 228 -23.73 -17.64 -8.34
CA GLN A 228 -23.87 -16.50 -7.45
C GLN A 228 -23.36 -15.22 -8.12
N PRO A 229 -24.07 -14.11 -7.95
CA PRO A 229 -23.69 -12.88 -8.65
C PRO A 229 -22.60 -12.11 -7.93
N SER A 230 -21.86 -11.32 -8.70
CA SER A 230 -20.77 -10.49 -8.20
C SER A 230 -20.92 -9.07 -8.70
N LEU A 231 -20.44 -8.12 -7.90
CA LEU A 231 -20.37 -6.72 -8.28
C LEU A 231 -18.90 -6.30 -8.30
N LEU A 232 -18.40 -5.95 -9.48
CA LEU A 232 -16.98 -5.64 -9.69
C LEU A 232 -16.81 -4.12 -9.73
N LEU A 233 -16.25 -3.56 -8.66
CA LEU A 233 -16.00 -2.13 -8.55
C LEU A 233 -14.57 -1.84 -8.98
N VAL A 234 -14.41 -1.06 -10.04
CA VAL A 234 -13.12 -0.81 -10.65
C VAL A 234 -12.83 0.69 -10.57
N PRO A 235 -11.96 1.12 -9.67
CA PRO A 235 -11.50 2.50 -9.69
C PRO A 235 -10.77 2.78 -11.00
N GLU A 236 -10.93 4.02 -11.48
CA GLU A 236 -10.30 4.43 -12.74
C GLU A 236 -8.80 4.21 -12.67
N GLY A 237 -8.24 3.63 -13.73
CA GLY A 237 -6.81 3.35 -13.72
C GLY A 237 -6.38 2.49 -14.88
N ARG A 238 -5.34 1.69 -14.63
CA ARG A 238 -4.66 0.99 -15.72
C ARG A 238 -5.49 -0.18 -16.25
N VAL A 239 -6.15 -0.91 -15.35
CA VAL A 239 -6.79 -2.18 -15.71
C VAL A 239 -8.08 -1.91 -16.47
N LEU A 240 -8.45 -0.63 -16.59
CA LEU A 240 -9.74 -0.28 -17.16
C LEU A 240 -9.81 -0.59 -18.66
N ALA A 241 -8.69 -0.45 -19.37
CA ALA A 241 -8.68 -0.82 -20.78
C ALA A 241 -8.93 -2.30 -20.98
N ASP A 242 -8.38 -3.13 -20.09
CA ASP A 242 -8.63 -4.57 -20.18
C ASP A 242 -10.07 -4.91 -19.87
N VAL A 243 -10.65 -4.26 -18.85
CA VAL A 243 -12.07 -4.47 -18.56
C VAL A 243 -12.93 -4.02 -19.73
N ALA A 244 -12.59 -2.88 -20.34
CA ALA A 244 -13.34 -2.40 -21.50
C ALA A 244 -13.21 -3.34 -22.68
N ASP A 245 -12.03 -3.95 -22.86
CA ASP A 245 -11.85 -4.88 -23.96
C ASP A 245 -12.68 -6.15 -23.76
N TRP A 246 -12.77 -6.63 -22.52
CA TRP A 246 -13.59 -7.82 -22.25
C TRP A 246 -15.07 -7.51 -22.38
N LEU A 247 -15.49 -6.31 -21.94
CA LEU A 247 -16.89 -5.90 -22.06
C LEU A 247 -17.29 -5.58 -23.49
N ARG A 248 -16.35 -5.60 -24.44
CA ARG A 248 -16.62 -5.27 -25.84
C ARG A 248 -17.20 -3.87 -25.96
N VAL A 249 -16.67 -2.93 -25.18
CA VAL A 249 -17.10 -1.54 -25.21
C VAL A 249 -15.88 -0.67 -25.51
N ALA A 250 -16.13 0.46 -26.17
CA ALA A 250 -15.05 1.35 -26.55
C ALA A 250 -14.68 2.31 -25.42
N THR A 251 -15.67 2.79 -24.67
CA THR A 251 -15.45 3.75 -23.60
C THR A 251 -15.88 3.15 -22.27
N LEU A 252 -15.10 3.42 -21.22
CA LEU A 252 -15.42 2.98 -19.86
C LEU A 252 -15.14 4.16 -18.94
N ALA A 253 -16.18 4.87 -18.54
CA ALA A 253 -16.05 6.11 -17.77
C ALA A 253 -16.57 5.90 -16.35
N VAL A 254 -16.24 6.85 -15.48
CA VAL A 254 -16.68 6.81 -14.09
C VAL A 254 -18.20 6.88 -14.04
N GLY A 255 -18.81 5.91 -13.36
CA GLY A 255 -20.25 5.83 -13.26
C GLY A 255 -20.89 4.82 -14.19
N ASP A 256 -20.15 4.28 -15.15
CA ASP A 256 -20.71 3.31 -16.07
C ASP A 256 -20.95 1.99 -15.36
N VAL A 257 -22.03 1.31 -15.74
CA VAL A 257 -22.38 0.00 -15.23
C VAL A 257 -22.71 -0.90 -16.41
N HIS A 258 -22.11 -2.08 -16.45
CA HIS A 258 -22.40 -3.08 -17.47
C HIS A 258 -22.69 -4.41 -16.81
N VAL A 259 -23.73 -5.08 -17.31
CA VAL A 259 -24.19 -6.35 -16.76
C VAL A 259 -23.85 -7.46 -17.75
N ARG A 260 -23.17 -8.49 -17.26
CA ARG A 260 -22.84 -9.68 -18.06
C ARG A 260 -23.28 -10.89 -17.24
N ASP A 261 -24.56 -11.24 -17.36
CA ASP A 261 -25.16 -12.34 -16.61
C ASP A 261 -24.98 -12.15 -15.12
N ALA A 262 -24.13 -12.97 -14.50
CA ALA A 262 -23.97 -12.91 -13.05
C ALA A 262 -23.00 -11.83 -12.59
N LEU A 263 -22.44 -11.04 -13.51
CA LEU A 263 -21.40 -10.08 -13.17
C LEU A 263 -21.88 -8.66 -13.49
N ARG A 264 -21.88 -7.81 -12.47
CA ARG A 264 -22.10 -6.37 -12.63
C ARG A 264 -20.75 -5.66 -12.51
N VAL A 265 -20.40 -4.89 -13.53
CA VAL A 265 -19.15 -4.13 -13.54
C VAL A 265 -19.50 -2.65 -13.42
N GLN A 266 -18.95 -1.99 -12.40
CA GLN A 266 -19.20 -0.57 -12.17
C GLN A 266 -17.87 0.14 -11.99
N VAL A 267 -17.71 1.27 -12.67
CA VAL A 267 -16.48 2.04 -12.65
C VAL A 267 -16.57 3.10 -11.57
N LEU A 268 -15.55 3.18 -10.73
CA LEU A 268 -15.46 4.15 -9.65
C LEU A 268 -14.40 5.19 -9.96
N PRO A 269 -14.49 6.37 -9.37
CA PRO A 269 -13.41 7.36 -9.52
C PRO A 269 -12.18 6.93 -8.74
N PHE A 270 -11.06 7.55 -9.07
CA PHE A 270 -9.85 7.41 -8.27
C PHE A 270 -10.04 8.28 -7.03
N ALA A 272 -9.89 9.49 -2.76
CA ALA A 272 -8.89 9.80 -1.76
C ALA A 272 -8.42 8.52 -1.06
N GLN A 273 -7.20 8.58 -0.53
CA GLN A 273 -6.57 7.40 0.04
C GLN A 273 -7.42 6.79 1.16
N ASP A 274 -7.96 7.64 2.04
CA ASP A 274 -8.77 7.14 3.15
C ASP A 274 -10.10 6.58 2.68
N ASP A 275 -10.65 7.13 1.60
CA ASP A 275 -11.88 6.56 1.03
C ASP A 275 -11.62 5.22 0.36
N TYR A 276 -10.42 5.02 -0.19
CA TYR A 276 -10.06 3.72 -0.73
C TYR A 276 -10.04 2.66 0.36
N ASP A 277 -9.62 3.03 1.58
CA ASP A 277 -9.71 2.11 2.71
C ASP A 277 -11.14 1.67 2.95
N ARG A 278 -12.07 2.63 2.98
CA ARG A 278 -13.47 2.29 3.21
C ARG A 278 -14.02 1.38 2.12
N LEU A 279 -13.58 1.59 0.88
CA LEU A 279 -13.95 0.67 -0.20
C LEU A 279 -13.41 -0.73 0.06
N LEU A 280 -12.14 -0.82 0.47
CA LEU A 280 -11.58 -2.13 0.81
C LEU A 280 -12.35 -2.77 1.96
N TRP A 281 -12.81 -1.96 2.92
CA TRP A 281 -13.56 -2.47 4.06
C TRP A 281 -14.94 -2.98 3.67
N CYS A 282 -15.51 -2.48 2.57
CA CYS A 282 -16.85 -2.93 2.17
C CYS A 282 -16.82 -4.25 1.43
N CYS A 283 -15.74 -4.52 0.71
CA CYS A 283 -15.73 -5.62 -0.26
C CYS A 283 -15.45 -6.96 0.41
N ASP A 284 -15.93 -8.01 -0.24
CA ASP A 284 -15.70 -9.37 0.21
C ASP A 284 -14.41 -9.96 -0.33
N LEU A 285 -13.83 -9.33 -1.36
CA LEU A 285 -12.53 -9.71 -1.90
C LEU A 285 -11.95 -8.50 -2.61
N ASN A 286 -10.71 -8.15 -2.27
CA ASN A 286 -10.05 -6.97 -2.82
C ASN A 286 -8.87 -7.40 -3.68
N ALA A 287 -8.92 -7.08 -4.96
CA ALA A 287 -7.78 -7.26 -5.85
C ALA A 287 -6.93 -6.01 -5.77
N VAL A 288 -5.70 -6.17 -5.23
CA VAL A 288 -4.82 -5.04 -4.99
C VAL A 288 -3.47 -5.31 -5.65
N ARG A 289 -2.51 -4.42 -5.44
CA ARG A 289 -1.26 -4.45 -6.19
C ARG A 289 -0.20 -3.66 -5.43
N GLY A 290 1.04 -3.77 -5.90
CA GLY A 290 2.09 -2.90 -5.42
C GLY A 290 2.42 -3.10 -3.96
N GLU A 291 2.53 -1.98 -3.22
CA GLU A 291 3.00 -1.99 -1.85
C GLU A 291 1.93 -1.52 -0.88
N ASP A 292 1.39 -0.31 -1.06
CA ASP A 292 0.48 0.24 -0.06
C ASP A 292 -0.86 -0.48 -0.07
N SER A 293 -1.52 -0.52 -1.24
CA SER A 293 -2.82 -1.20 -1.31
C SER A 293 -2.72 -2.68 -0.98
N PHE A 294 -1.54 -3.27 -1.15
CA PHE A 294 -1.34 -4.66 -0.76
C PHE A 294 -1.48 -4.82 0.76
N VAL A 295 -0.97 -3.86 1.52
CA VAL A 295 -1.06 -3.94 2.98
C VAL A 295 -2.41 -3.44 3.46
N ARG A 296 -2.94 -2.39 2.84
CA ARG A 296 -4.24 -1.87 3.25
C ARG A 296 -5.33 -2.92 3.12
N ALA A 297 -5.23 -3.78 2.11
CA ALA A 297 -6.20 -4.87 1.96
C ALA A 297 -6.06 -5.90 3.07
N GLN A 298 -4.86 -6.04 3.63
CA GLN A 298 -4.68 -6.94 4.76
C GLN A 298 -5.23 -6.35 6.05
N TRP A 299 -5.12 -5.02 6.23
CA TRP A 299 -5.76 -4.40 7.39
C TRP A 299 -7.27 -4.49 7.33
N ALA A 300 -7.83 -4.58 6.12
CA ALA A 300 -9.27 -4.75 5.95
C ALA A 300 -9.79 -6.09 6.46
N GLY A 301 -8.90 -7.04 6.74
CA GLY A 301 -9.34 -8.33 7.25
C GLY A 301 -10.27 -9.05 6.31
N ARG A 302 -10.00 -8.99 5.02
CA ARG A 302 -10.82 -9.61 3.99
C ARG A 302 -9.92 -10.34 3.02
N PRO A 303 -10.46 -11.35 2.32
CA PRO A 303 -9.69 -12.00 1.26
C PRO A 303 -9.17 -10.97 0.26
N LEU A 304 -8.01 -11.26 -0.32
CA LEU A 304 -7.38 -10.33 -1.23
C LEU A 304 -6.65 -11.08 -2.34
N LEU A 305 -6.32 -10.35 -3.39
CA LEU A 305 -5.59 -10.87 -4.54
C LEU A 305 -4.52 -9.85 -4.89
N TRP A 306 -3.27 -10.29 -4.95
CA TRP A 306 -2.11 -9.42 -5.08
C TRP A 306 -1.52 -9.54 -6.48
N HIS A 307 -1.47 -8.43 -7.20
CA HIS A 307 -0.82 -8.35 -8.51
C HIS A 307 0.48 -7.59 -8.31
N ILE A 308 1.60 -8.31 -8.31
CA ILE A 308 2.92 -7.68 -8.19
C ILE A 308 3.52 -7.54 -9.58
N TYR A 309 4.01 -6.35 -9.88
CA TYR A 309 4.51 -6.06 -11.22
C TYR A 309 5.78 -6.86 -11.50
N ARG A 310 5.90 -7.35 -12.73
CA ARG A 310 7.05 -8.15 -13.11
C ARG A 310 8.32 -7.30 -13.11
N GLN A 311 9.44 -7.94 -12.79
CA GLN A 311 10.72 -7.26 -12.64
C GLN A 311 11.77 -7.90 -13.54
N GLU A 312 13.03 -7.50 -13.35
CA GLU A 312 14.13 -8.06 -14.12
C GLU A 312 14.18 -9.58 -13.94
N GLU A 313 14.41 -10.29 -15.04
CA GLU A 313 14.23 -11.74 -15.08
C GLU A 313 12.83 -12.08 -14.57
N GLU A 314 12.76 -12.66 -13.38
CA GLU A 314 11.50 -12.93 -12.69
C GLU A 314 11.68 -12.76 -11.19
N THR A 315 12.42 -11.73 -10.79
CA THR A 315 12.74 -11.51 -9.38
C THR A 315 11.53 -11.16 -8.54
N HIS A 316 10.40 -10.80 -9.16
CA HIS A 316 9.19 -10.60 -8.38
C HIS A 316 8.60 -11.90 -7.86
N LEU A 317 9.01 -13.04 -8.45
CA LEU A 317 8.56 -14.34 -7.96
C LEU A 317 9.03 -14.60 -6.54
N ALA A 318 10.22 -14.08 -6.18
CA ALA A 318 10.75 -14.32 -4.84
C ALA A 318 9.89 -13.63 -3.78
N LYS A 319 9.51 -12.38 -4.02
CA LYS A 319 8.68 -11.66 -3.04
C LYS A 319 7.29 -12.28 -2.94
N LEU A 320 6.76 -12.77 -4.06
CA LEU A 320 5.43 -13.38 -4.04
C LEU A 320 5.43 -14.66 -3.22
N GLU A 321 6.35 -15.58 -3.53
CA GLU A 321 6.42 -16.85 -2.81
C GLU A 321 6.74 -16.64 -1.33
N ALA A 322 7.59 -15.67 -1.02
CA ALA A 322 7.92 -15.39 0.37
C ALA A 322 6.68 -14.99 1.15
N PHE A 323 5.82 -14.15 0.56
CA PHE A 323 4.59 -13.77 1.25
C PHE A 323 3.61 -14.93 1.31
N LEU A 324 3.51 -15.70 0.22
CA LEU A 324 2.60 -16.84 0.22
C LEU A 324 2.96 -17.85 1.31
N GLU A 325 4.25 -18.12 1.49
CA GLU A 325 4.68 -19.05 2.53
C GLU A 325 4.21 -18.60 3.91
N LEU A 326 4.31 -17.29 4.18
CA LEU A 326 3.94 -16.77 5.49
C LEU A 326 2.42 -16.68 5.65
N TYR A 327 1.74 -16.10 4.66
CA TYR A 327 0.30 -15.90 4.75
C TYR A 327 -0.45 -17.22 4.81
N CYS A 328 0.02 -18.23 4.07
CA CYS A 328 -0.64 -19.54 4.04
C CYS A 328 -0.25 -20.44 5.20
N ALA A 329 0.66 -20.01 6.08
CA ALA A 329 1.13 -20.89 7.13
C ALA A 329 0.02 -21.28 8.09
N GLY A 330 -0.91 -20.36 8.35
CA GLY A 330 -2.03 -20.63 9.22
C GLY A 330 -3.30 -21.08 8.53
N LEU A 331 -3.29 -21.20 7.19
CA LEU A 331 -4.50 -21.57 6.49
C LEU A 331 -4.67 -23.09 6.43
N PRO A 332 -5.90 -23.57 6.28
CA PRO A 332 -6.10 -24.99 5.97
C PRO A 332 -5.44 -25.35 4.65
N ALA A 333 -5.03 -26.62 4.54
CA ALA A 333 -4.28 -27.07 3.36
C ALA A 333 -5.04 -26.80 2.08
N ASP A 334 -6.35 -27.06 2.06
CA ASP A 334 -7.13 -26.89 0.84
C ASP A 334 -7.18 -25.43 0.41
N LEU A 335 -7.51 -24.53 1.35
CA LEU A 335 -7.56 -23.11 1.02
C LEU A 335 -6.18 -22.59 0.61
N ALA A 336 -5.13 -23.01 1.30
CA ALA A 336 -3.79 -22.53 0.98
C ALA A 336 -3.37 -22.96 -0.41
N GLU A 337 -3.72 -24.19 -0.81
CA GLU A 337 -3.35 -24.68 -2.13
C GLU A 337 -4.08 -23.94 -3.24
N ASN A 338 -5.38 -23.68 -3.04
CA ASN A 338 -6.14 -22.95 -4.06
C ASN A 338 -5.74 -21.48 -4.12
N LEU A 339 -5.46 -20.89 -2.95
CA LEU A 339 -4.97 -19.52 -2.92
C LEU A 339 -3.65 -19.39 -3.66
N ARG A 340 -2.72 -20.32 -3.43
CA ARG A 340 -1.42 -20.27 -4.08
C ARG A 340 -1.55 -20.35 -5.59
N THR A 341 -2.26 -21.37 -6.08
CA THR A 341 -2.38 -21.56 -7.52
C THR A 341 -3.05 -20.37 -8.19
N PHE A 342 -4.04 -19.77 -7.52
CA PHE A 342 -4.70 -18.61 -8.10
C PHE A 342 -3.78 -17.40 -8.12
N TRP A 343 -3.08 -17.15 -7.01
CA TRP A 343 -2.16 -16.02 -6.96
C TRP A 343 -1.04 -16.14 -7.98
N LEU A 344 -0.49 -17.35 -8.13
CA LEU A 344 0.55 -17.56 -9.13
C LEU A 344 0.01 -17.36 -10.53
N ALA A 345 -1.19 -17.88 -10.81
CA ALA A 345 -1.79 -17.71 -12.13
C ALA A 345 -2.13 -16.24 -12.39
N TRP A 346 -2.66 -15.55 -11.39
CA TRP A 346 -2.97 -14.13 -11.53
C TRP A 346 -1.72 -13.31 -11.83
N ASN A 347 -0.55 -13.77 -11.41
CA ASN A 347 0.71 -13.11 -11.66
C ASN A 347 1.50 -13.73 -12.80
N ALA A 348 0.98 -14.80 -13.41
CA ALA A 348 1.67 -15.47 -14.51
C ALA A 348 1.31 -14.90 -15.87
N GLY A 349 0.42 -13.90 -15.92
CA GLY A 349 -0.02 -13.37 -17.20
C GLY A 349 -0.74 -14.40 -18.02
N GLY A 350 -1.75 -15.04 -17.43
CA GLY A 350 -2.42 -16.17 -18.02
C GLY A 350 -2.80 -17.17 -16.96
N GLY A 351 -4.06 -17.12 -16.51
CA GLY A 351 -4.48 -17.84 -15.34
C GLY A 351 -4.87 -19.28 -15.60
N LEU A 352 -5.70 -19.81 -14.71
CA LEU A 352 -6.21 -21.17 -14.80
C LEU A 352 -7.73 -21.12 -14.90
N ALA A 353 -8.28 -21.93 -15.80
CA ALA A 353 -9.71 -21.86 -16.12
C ALA A 353 -10.61 -22.35 -14.99
N GLY A 354 -10.07 -23.02 -13.98
CA GLY A 354 -10.90 -23.55 -12.93
C GLY A 354 -10.41 -23.22 -11.53
N ALA A 355 -9.33 -22.43 -11.45
CA ALA A 355 -8.76 -22.08 -10.14
C ALA A 355 -9.71 -21.23 -9.30
N TRP A 356 -10.67 -20.55 -9.93
CA TRP A 356 -11.60 -19.71 -9.17
C TRP A 356 -12.69 -20.51 -8.50
N GLU A 357 -13.13 -21.61 -9.10
CA GLU A 357 -14.21 -22.41 -8.50
C GLU A 357 -13.78 -22.99 -7.17
N GLY A 358 -12.53 -23.43 -7.05
CA GLY A 358 -12.05 -23.99 -5.80
C GLY A 358 -11.86 -22.95 -4.72
N LEU A 359 -11.53 -21.71 -5.11
CA LEU A 359 -11.29 -20.64 -4.15
C LEU A 359 -12.57 -19.93 -3.73
N GLU A 360 -13.51 -19.75 -4.67
CA GLU A 360 -14.78 -19.09 -4.36
C GLU A 360 -15.56 -19.87 -3.30
N ARG A 361 -15.49 -21.20 -3.34
CA ARG A 361 -16.23 -22.03 -2.38
C ARG A 361 -15.67 -21.91 -0.97
N GLN A 362 -14.46 -21.37 -0.81
CA GLN A 362 -13.81 -21.28 0.50
C GLN A 362 -13.68 -19.84 0.98
N LEU A 363 -14.33 -18.90 0.31
CA LEU A 363 -14.24 -17.50 0.72
C LEU A 363 -14.76 -17.23 2.13
N PRO A 364 -15.86 -17.83 2.60
CA PRO A 364 -16.26 -17.61 4.00
C PRO A 364 -15.18 -17.98 5.00
N GLU A 365 -14.51 -19.12 4.81
CA GLU A 365 -13.45 -19.51 5.72
C GLU A 365 -12.21 -18.64 5.52
N TRP A 366 -11.92 -18.27 4.28
CA TRP A 366 -10.80 -17.38 4.01
C TRP A 366 -10.99 -16.04 4.73
N ARG A 367 -12.22 -15.51 4.71
CA ARG A 367 -12.50 -14.26 5.42
C ARG A 367 -12.14 -14.38 6.89
N ARG A 368 -12.53 -15.49 7.53
CA ARG A 368 -12.22 -15.68 8.94
C ARG A 368 -10.72 -15.70 9.19
N GLU A 369 -9.98 -16.39 8.32
CA GLU A 369 -8.51 -16.42 8.46
C GLU A 369 -7.90 -15.06 8.17
N ALA A 370 -8.49 -14.30 7.25
CA ALA A 370 -7.97 -12.97 6.96
C ALA A 370 -8.16 -12.02 8.13
N GLN A 371 -9.25 -12.18 8.89
CA GLN A 371 -9.43 -11.39 10.10
C GLN A 371 -8.41 -11.75 11.16
N ARG A 372 -8.15 -13.05 11.34
CA ARG A 372 -7.12 -13.48 12.28
C ARG A 372 -5.74 -12.95 11.86
N TRP A 373 -5.45 -12.96 10.56
CA TRP A 373 -4.19 -12.42 10.07
C TRP A 373 -4.06 -10.94 10.38
N ALA A 374 -5.15 -10.19 10.20
CA ALA A 374 -5.12 -8.76 10.49
C ALA A 374 -4.93 -8.50 11.97
N ASP A 375 -5.64 -9.23 12.83
CA ASP A 375 -5.54 -9.00 14.27
C ASP A 375 -4.14 -9.32 14.78
N GLU A 376 -3.55 -10.42 14.32
CA GLU A 376 -2.22 -10.80 14.79
C GLU A 376 -1.16 -9.82 14.30
N GLN A 377 -1.26 -9.38 13.04
CA GLN A 377 -0.37 -8.34 12.54
C GLN A 377 -0.62 -7.01 13.24
N GLY A 378 -1.85 -6.76 13.67
CA GLY A 378 -2.20 -5.50 14.30
C GLY A 378 -1.64 -5.32 15.70
N ARG A 380 1.58 -6.15 16.43
CA ARG A 380 2.97 -5.75 16.26
C ARG A 380 3.05 -4.23 16.22
N PRO A 381 4.06 -3.63 16.86
CA PRO A 381 4.22 -2.17 16.79
C PRO A 381 4.34 -1.69 15.35
N ASP A 382 3.64 -0.60 15.05
CA ASP A 382 3.59 -0.08 13.70
C ASP A 382 4.92 0.53 13.30
N LEU A 383 5.08 0.72 11.97
CA LEU A 383 6.36 1.15 11.43
C LEU A 383 6.73 2.56 11.87
N ALA A 384 5.76 3.48 11.86
CA ALA A 384 6.04 4.85 12.27
C ALA A 384 6.50 4.91 13.72
N ALA A 385 5.99 4.03 14.57
CA ALA A 385 6.44 3.99 15.96
C ALA A 385 7.87 3.47 16.07
N ARG A 386 8.21 2.44 15.32
CA ARG A 386 9.58 1.92 15.32
C ARG A 386 10.55 2.95 14.76
N LEU A 387 10.12 3.69 13.73
CA LEU A 387 10.95 4.75 13.17
C LEU A 387 11.24 5.82 14.21
N VAL A 388 10.19 6.30 14.90
CA VAL A 388 10.35 7.31 15.94
C VAL A 388 11.19 6.75 17.10
N GLN A 389 11.02 5.45 17.40
CA GLN A 389 11.82 4.85 18.45
C GLN A 389 13.27 4.67 18.01
N PHE A 390 13.49 4.39 16.72
CA PHE A 390 14.86 4.31 16.20
C PHE A 390 15.60 5.62 16.42
N TYR A 391 14.95 6.76 16.19
CA TYR A 391 15.63 8.04 16.38
C TYR A 391 15.92 8.30 17.84
N ALA A 392 15.01 7.92 18.74
CA ALA A 392 15.23 8.11 20.17
C ALA A 392 16.45 7.35 20.64
N ASP A 393 16.52 6.05 20.34
CA ASP A 393 17.69 5.25 20.72
C ASP A 393 18.95 5.76 20.05
N TRP A 394 18.84 6.21 18.81
CA TRP A 394 20.00 6.73 18.10
C TRP A 394 20.48 8.05 18.70
N LEU A 395 19.54 8.90 19.10
CA LEU A 395 19.89 10.18 19.72
C LEU A 395 20.58 9.95 21.06
N LEU A 396 20.00 9.09 21.91
CA LEU A 396 20.59 8.83 23.21
C LEU A 396 21.97 8.18 23.08
N GLU A 397 22.13 7.28 22.12
CA GLU A 397 23.44 6.67 21.89
C GLU A 397 24.46 7.70 21.42
N HIS A 398 24.03 8.63 20.56
CA HIS A 398 24.95 9.64 20.03
C HIS A 398 25.61 10.44 21.15
N HIS A 399 24.90 10.65 22.25
CA HIS A 399 25.46 11.34 23.41
C HIS A 399 25.86 10.36 24.51
N HIS A 400 26.04 9.08 24.17
CA HIS A 400 26.51 8.05 25.09
C HIS A 400 25.66 7.97 26.36
N HIS A 401 24.36 8.23 26.21
CA HIS A 401 23.45 8.21 27.34
C HIS A 401 22.77 6.85 27.45
N HIS A 402 22.13 6.61 28.59
CA HIS A 402 21.42 5.37 28.81
C HIS A 402 20.04 5.42 28.13
N HIS A 403 19.39 4.27 28.10
CA HIS A 403 18.08 4.16 27.44
C HIS A 403 17.00 3.75 28.42
#